data_9J5F
#
_entry.id   9J5F
#
_entity_poly.entity_id   1
_entity_poly.type   'polypeptide(L)'
_entity_poly.pdbx_seq_one_letter_code
;RSFCAYWRMLLCPDSCSIEGGCPEVCTNTCPL
;
_entity_poly.pdbx_strand_id   A
#
# COMPACT_ATOMS: atom_id res chain seq x y z
N ARG A 1 7.32 6.12 12.12
CA ARG A 1 6.69 5.32 11.06
C ARG A 1 6.39 6.19 9.84
N SER A 2 6.71 5.67 8.67
CA SER A 2 6.45 6.35 7.42
C SER A 2 4.96 6.46 7.13
N PHE A 3 4.63 7.00 5.98
CA PHE A 3 3.24 7.15 5.54
C PHE A 3 2.60 5.79 5.28
N CYS A 4 3.43 4.74 5.21
CA CYS A 4 2.97 3.40 4.89
C CYS A 4 1.84 2.93 5.82
N ALA A 5 1.73 3.58 6.97
CA ALA A 5 0.66 3.26 7.92
C ALA A 5 -0.70 3.74 7.39
N TYR A 6 -0.80 5.03 7.11
CA TYR A 6 -2.06 5.63 6.69
C TYR A 6 -2.28 5.46 5.19
N TRP A 7 -1.21 5.61 4.42
CA TRP A 7 -1.29 5.61 2.97
C TRP A 7 -1.54 4.22 2.44
N ARG A 8 -1.36 3.23 3.31
CA ARG A 8 -1.67 1.85 3.01
C ARG A 8 -3.09 1.75 2.44
N MET A 9 -4.05 2.33 3.16
CA MET A 9 -5.45 2.29 2.74
C MET A 9 -5.76 3.44 1.79
N LEU A 10 -4.85 4.40 1.70
CA LEU A 10 -5.07 5.60 0.92
C LEU A 10 -4.82 5.33 -0.57
N LEU A 11 -3.74 4.61 -0.87
CA LEU A 11 -3.41 4.30 -2.26
C LEU A 11 -3.77 2.86 -2.60
N CYS A 12 -4.59 2.23 -1.78
CA CYS A 12 -4.96 0.84 -2.03
C CYS A 12 -6.46 0.60 -1.83
N PRO A 13 -7.32 1.25 -2.63
CA PRO A 13 -8.74 0.91 -2.72
C PRO A 13 -8.95 -0.33 -3.60
N ASP A 14 -8.41 -1.46 -3.15
CA ASP A 14 -8.46 -2.71 -3.91
C ASP A 14 -7.77 -2.52 -5.28
N SER A 15 -6.77 -1.66 -5.28
CA SER A 15 -5.97 -1.37 -6.47
C SER A 15 -5.06 -2.54 -6.84
N CYS A 16 -5.04 -3.58 -6.01
CA CYS A 16 -4.18 -4.73 -6.24
C CYS A 16 -4.40 -5.34 -7.62
N SER A 17 -5.60 -5.14 -8.17
CA SER A 17 -5.90 -5.62 -9.51
C SER A 17 -5.08 -4.87 -10.55
N ILE A 18 -5.16 -3.54 -10.56
CA ILE A 18 -4.50 -2.73 -11.57
C ILE A 18 -2.98 -2.70 -11.37
N GLU A 19 -2.54 -2.85 -10.12
CA GLU A 19 -1.11 -2.83 -9.82
C GLU A 19 -0.49 -4.21 -9.97
N GLY A 20 -1.25 -5.15 -10.55
CA GLY A 20 -0.76 -6.49 -10.74
C GLY A 20 -0.87 -7.32 -9.47
N GLY A 21 0.08 -7.10 -8.57
CA GLY A 21 0.03 -7.75 -7.28
C GLY A 21 -0.72 -6.90 -6.27
N CYS A 22 -0.03 -5.90 -5.73
CA CYS A 22 -0.64 -4.91 -4.86
C CYS A 22 0.20 -3.64 -4.86
N PRO A 23 -0.42 -2.48 -4.57
CA PRO A 23 0.31 -1.21 -4.44
C PRO A 23 1.39 -1.33 -3.38
N GLU A 24 2.52 -0.69 -3.64
CA GLU A 24 3.70 -0.82 -2.79
C GLU A 24 3.44 -0.34 -1.36
N VAL A 25 2.54 0.61 -1.20
CA VAL A 25 2.18 1.12 0.11
C VAL A 25 1.08 0.27 0.75
N CYS A 26 0.46 -0.59 -0.06
CA CYS A 26 -0.56 -1.49 0.43
C CYS A 26 0.12 -2.65 1.18
N THR A 27 1.34 -2.93 0.74
CA THR A 27 2.18 -3.90 1.40
C THR A 27 2.78 -3.30 2.68
N ASN A 28 2.01 -3.32 3.75
CA ASN A 28 2.45 -2.74 5.02
C ASN A 28 3.54 -3.58 5.67
N THR A 29 4.65 -3.70 4.95
CA THR A 29 5.86 -4.32 5.46
C THR A 29 7.02 -3.36 5.19
N CYS A 30 6.63 -2.12 4.90
CA CYS A 30 7.55 -1.05 4.55
C CYS A 30 8.66 -0.89 5.58
N PRO A 31 9.93 -0.90 5.11
CA PRO A 31 11.10 -0.70 5.96
C PRO A 31 11.14 0.69 6.59
N LEU A 32 11.82 0.81 7.72
CA LEU A 32 11.90 2.05 8.45
C LEU A 32 12.97 2.97 7.86
N ARG A 1 7.72 5.14 12.04
CA ARG A 1 6.80 4.61 11.00
C ARG A 1 6.60 5.65 9.91
N SER A 2 6.69 5.20 8.66
CA SER A 2 6.48 6.06 7.51
C SER A 2 5.00 6.09 7.12
N PHE A 3 4.70 6.73 6.01
CA PHE A 3 3.34 6.90 5.52
C PHE A 3 2.69 5.56 5.16
N CYS A 4 3.50 4.52 5.08
CA CYS A 4 3.03 3.19 4.66
C CYS A 4 1.90 2.67 5.55
N ALA A 5 1.73 3.24 6.73
CA ALA A 5 0.68 2.84 7.63
C ALA A 5 -0.64 3.53 7.28
N TYR A 6 -0.55 4.81 6.94
CA TYR A 6 -1.74 5.60 6.58
C TYR A 6 -2.08 5.45 5.11
N TRP A 7 -1.07 5.65 4.27
CA TRP A 7 -1.26 5.75 2.82
C TRP A 7 -1.57 4.39 2.20
N ARG A 8 -1.36 3.31 2.95
CA ARG A 8 -1.68 1.96 2.48
C ARG A 8 -3.13 1.88 2.01
N MET A 9 -4.02 2.47 2.80
CA MET A 9 -5.44 2.46 2.48
C MET A 9 -5.79 3.65 1.59
N LEU A 10 -4.96 4.68 1.66
CA LEU A 10 -5.20 5.93 0.95
C LEU A 10 -5.14 5.72 -0.57
N LEU A 11 -4.10 5.02 -1.03
CA LEU A 11 -3.92 4.81 -2.46
C LEU A 11 -4.24 3.36 -2.85
N CYS A 12 -4.94 2.65 -1.99
CA CYS A 12 -5.19 1.24 -2.26
C CYS A 12 -6.40 0.72 -1.51
N PRO A 13 -7.61 0.91 -2.06
CA PRO A 13 -8.81 0.24 -1.58
C PRO A 13 -8.76 -1.25 -1.89
N ASP A 14 -8.55 -1.55 -3.16
CA ASP A 14 -8.42 -2.92 -3.65
C ASP A 14 -7.50 -2.92 -4.87
N SER A 15 -6.58 -1.96 -4.85
CA SER A 15 -5.74 -1.66 -6.00
C SER A 15 -4.72 -2.76 -6.31
N CYS A 16 -4.63 -3.77 -5.46
CA CYS A 16 -3.73 -4.89 -5.72
C CYS A 16 -4.14 -5.61 -7.00
N SER A 17 -5.41 -5.51 -7.36
CA SER A 17 -5.91 -6.10 -8.60
C SER A 17 -5.48 -5.26 -9.80
N ILE A 18 -5.22 -3.98 -9.55
CA ILE A 18 -4.88 -3.03 -10.59
C ILE A 18 -3.38 -3.00 -10.83
N GLU A 19 -2.62 -2.95 -9.74
CA GLU A 19 -1.16 -2.85 -9.81
C GLU A 19 -0.51 -4.22 -10.01
N GLY A 20 -1.28 -5.16 -10.52
CA GLY A 20 -0.76 -6.51 -10.75
C GLY A 20 -0.64 -7.28 -9.45
N GLY A 21 0.40 -6.98 -8.70
CA GLY A 21 0.57 -7.57 -7.39
C GLY A 21 -0.08 -6.72 -6.32
N CYS A 22 0.64 -5.71 -5.87
CA CYS A 22 0.12 -4.75 -4.90
C CYS A 22 0.86 -3.43 -5.02
N PRO A 23 0.14 -2.29 -4.89
CA PRO A 23 0.76 -0.97 -4.93
C PRO A 23 1.81 -0.81 -3.84
N GLU A 24 2.84 -0.03 -4.12
CA GLU A 24 3.97 0.11 -3.20
C GLU A 24 3.51 0.45 -1.77
N VAL A 25 2.69 1.50 -1.66
CA VAL A 25 2.22 1.96 -0.36
C VAL A 25 1.20 1.00 0.24
N CYS A 26 0.60 0.18 -0.61
CA CYS A 26 -0.42 -0.77 -0.19
C CYS A 26 0.22 -1.97 0.50
N THR A 27 1.48 -2.20 0.16
CA THR A 27 2.23 -3.30 0.71
C THR A 27 2.67 -2.96 2.14
N ASN A 28 1.76 -3.12 3.09
CA ASN A 28 2.02 -2.77 4.48
C ASN A 28 2.93 -3.81 5.13
N THR A 29 4.11 -3.94 4.55
CA THR A 29 5.17 -4.75 5.11
C THR A 29 6.42 -3.88 5.23
N CYS A 30 6.22 -2.59 4.96
CA CYS A 30 7.28 -1.61 5.00
C CYS A 30 8.01 -1.66 6.35
N PRO A 31 9.33 -1.90 6.30
CA PRO A 31 10.17 -2.04 7.49
C PRO A 31 10.07 -0.85 8.45
N LEU A 32 9.83 0.32 7.88
CA LEU A 32 9.69 1.53 8.66
C LEU A 32 8.76 2.50 7.94
N ARG A 1 5.56 4.58 12.71
CA ARG A 1 6.27 4.36 11.42
C ARG A 1 5.97 5.51 10.48
N SER A 2 6.65 5.52 9.33
CA SER A 2 6.40 6.51 8.31
C SER A 2 5.02 6.29 7.65
N PHE A 3 4.78 7.07 6.61
CA PHE A 3 3.44 7.31 6.08
C PHE A 3 2.80 6.08 5.46
N CYS A 4 3.56 5.03 5.20
CA CYS A 4 3.05 3.88 4.46
C CYS A 4 1.87 3.23 5.17
N ALA A 5 1.86 3.32 6.50
CA ALA A 5 0.76 2.74 7.29
C ALA A 5 -0.56 3.44 6.97
N TYR A 6 -0.49 4.74 6.75
CA TYR A 6 -1.67 5.54 6.43
C TYR A 6 -1.99 5.46 4.95
N TRP A 7 -0.95 5.60 4.14
CA TRP A 7 -1.11 5.68 2.69
C TRP A 7 -1.45 4.31 2.11
N ARG A 8 -1.26 3.28 2.93
CA ARG A 8 -1.64 1.92 2.59
C ARG A 8 -3.10 1.87 2.13
N MET A 9 -3.99 2.40 2.95
CA MET A 9 -5.42 2.41 2.64
C MET A 9 -5.76 3.61 1.77
N LEU A 10 -4.85 4.56 1.71
CA LEU A 10 -5.07 5.79 0.98
C LEU A 10 -4.94 5.56 -0.53
N LEU A 11 -3.91 4.81 -0.92
CA LEU A 11 -3.66 4.55 -2.34
C LEU A 11 -3.94 3.09 -2.70
N CYS A 12 -4.64 2.39 -1.84
CA CYS A 12 -4.97 0.99 -2.11
C CYS A 12 -6.21 0.52 -1.35
N PRO A 13 -7.40 0.83 -1.87
CA PRO A 13 -8.64 0.22 -1.41
C PRO A 13 -8.72 -1.24 -1.84
N ASP A 14 -8.75 -1.44 -3.14
CA ASP A 14 -8.71 -2.75 -3.75
C ASP A 14 -7.84 -2.69 -4.99
N SER A 15 -6.78 -1.90 -4.87
CA SER A 15 -5.92 -1.56 -6.01
C SER A 15 -4.92 -2.65 -6.34
N CYS A 16 -4.85 -3.71 -5.53
CA CYS A 16 -3.94 -4.81 -5.81
C CYS A 16 -4.15 -5.35 -7.22
N SER A 17 -5.40 -5.43 -7.64
CA SER A 17 -5.74 -5.89 -8.97
C SER A 17 -5.24 -4.92 -10.04
N ILE A 18 -5.24 -3.64 -9.71
CA ILE A 18 -4.91 -2.58 -10.65
C ILE A 18 -3.41 -2.55 -10.96
N GLU A 19 -2.59 -2.62 -9.92
CA GLU A 19 -1.15 -2.48 -10.10
C GLU A 19 -0.45 -3.84 -10.11
N GLY A 20 -1.18 -4.86 -10.55
CA GLY A 20 -0.59 -6.17 -10.71
C GLY A 20 -0.77 -7.05 -9.50
N GLY A 21 0.25 -7.11 -8.66
CA GLY A 21 0.15 -7.85 -7.42
C GLY A 21 -0.50 -7.02 -6.34
N CYS A 22 0.30 -6.15 -5.72
CA CYS A 22 -0.19 -5.19 -4.74
C CYS A 22 0.69 -3.96 -4.73
N PRO A 23 0.09 -2.76 -4.87
CA PRO A 23 0.80 -1.47 -4.92
C PRO A 23 1.83 -1.31 -3.82
N GLU A 24 2.86 -0.52 -4.11
CA GLU A 24 4.00 -0.34 -3.20
C GLU A 24 3.54 -0.03 -1.77
N VAL A 25 2.69 0.98 -1.64
CA VAL A 25 2.23 1.43 -0.32
C VAL A 25 1.14 0.51 0.24
N CYS A 26 0.65 -0.39 -0.59
CA CYS A 26 -0.40 -1.32 -0.17
C CYS A 26 0.22 -2.46 0.62
N THR A 27 1.47 -2.77 0.29
CA THR A 27 2.24 -3.79 0.99
C THR A 27 2.64 -3.30 2.37
N ASN A 28 1.74 -3.47 3.34
CA ASN A 28 1.98 -3.03 4.71
C ASN A 28 3.04 -3.90 5.41
N THR A 29 4.17 -4.08 4.74
CA THR A 29 5.32 -4.73 5.31
C THR A 29 6.48 -3.75 5.31
N CYS A 30 6.15 -2.51 4.94
CA CYS A 30 7.11 -1.41 4.88
C CYS A 30 7.79 -1.20 6.23
N PRO A 31 9.14 -1.28 6.24
CA PRO A 31 9.93 -0.94 7.43
C PRO A 31 9.88 0.56 7.70
N LEU A 32 9.72 1.34 6.64
CA LEU A 32 9.60 2.77 6.74
C LEU A 32 8.49 3.25 5.81
N ARG A 1 4.01 7.01 14.34
CA ARG A 1 4.82 6.35 13.30
C ARG A 1 4.95 7.27 12.09
N SER A 2 5.80 6.89 11.14
CA SER A 2 5.83 7.55 9.85
C SER A 2 4.53 7.26 9.08
N PHE A 3 4.47 7.69 7.83
CA PHE A 3 3.20 7.83 7.12
C PHE A 3 2.74 6.53 6.47
N CYS A 4 3.64 5.55 6.39
CA CYS A 4 3.33 4.31 5.69
C CYS A 4 2.12 3.60 6.27
N ALA A 5 2.00 3.55 7.60
CA ALA A 5 0.91 2.83 8.25
C ALA A 5 -0.45 3.33 7.78
N TYR A 6 -0.53 4.63 7.51
CA TYR A 6 -1.77 5.25 7.07
C TYR A 6 -1.89 5.17 5.54
N TRP A 7 -0.84 5.57 4.84
CA TRP A 7 -0.91 5.75 3.39
C TRP A 7 -0.79 4.45 2.61
N ARG A 8 -0.21 3.41 3.19
CA ARG A 8 -0.13 2.13 2.50
C ARG A 8 -1.51 1.49 2.43
N MET A 9 -2.36 1.84 3.37
CA MET A 9 -3.76 1.41 3.34
C MET A 9 -4.58 2.42 2.53
N LEU A 10 -3.99 3.57 2.26
CA LEU A 10 -4.70 4.67 1.63
C LEU A 10 -4.63 4.56 0.11
N LEU A 11 -3.46 4.25 -0.39
CA LEU A 11 -3.25 4.14 -1.83
C LEU A 11 -3.52 2.72 -2.34
N CYS A 12 -4.27 1.95 -1.57
CA CYS A 12 -4.62 0.60 -1.97
C CYS A 12 -6.12 0.34 -1.74
N PRO A 13 -6.99 1.00 -2.52
CA PRO A 13 -8.44 0.78 -2.49
C PRO A 13 -8.86 -0.42 -3.34
N ASP A 14 -8.67 -0.29 -4.65
CA ASP A 14 -9.03 -1.35 -5.59
C ASP A 14 -7.89 -1.52 -6.60
N SER A 15 -6.70 -1.13 -6.16
CA SER A 15 -5.53 -1.09 -7.02
C SER A 15 -5.00 -2.49 -7.32
N CYS A 16 -5.15 -3.40 -6.36
CA CYS A 16 -4.59 -4.73 -6.46
C CYS A 16 -5.10 -5.48 -7.69
N SER A 17 -6.24 -5.05 -8.21
CA SER A 17 -6.80 -5.68 -9.40
C SER A 17 -6.06 -5.23 -10.67
N ILE A 18 -5.69 -3.96 -10.71
CA ILE A 18 -5.05 -3.38 -11.89
C ILE A 18 -3.53 -3.54 -11.82
N GLU A 19 -2.98 -3.35 -10.63
CA GLU A 19 -1.54 -3.33 -10.42
C GLU A 19 -0.96 -4.74 -10.33
N GLY A 20 -1.62 -5.70 -10.96
CA GLY A 20 -1.15 -7.07 -10.95
C GLY A 20 -1.61 -7.80 -9.71
N GLY A 21 -0.74 -7.88 -8.72
CA GLY A 21 -1.10 -8.49 -7.45
C GLY A 21 -1.54 -7.44 -6.46
N CYS A 22 -0.59 -6.68 -5.96
CA CYS A 22 -0.85 -5.52 -5.13
C CYS A 22 0.32 -4.55 -5.25
N PRO A 23 0.04 -3.25 -5.44
CA PRO A 23 1.09 -2.25 -5.71
C PRO A 23 1.98 -1.97 -4.51
N GLU A 24 3.11 -1.33 -4.75
CA GLU A 24 4.07 -1.04 -3.68
C GLU A 24 3.42 -0.25 -2.55
N VAL A 25 2.63 0.75 -2.92
CA VAL A 25 1.96 1.60 -1.93
C VAL A 25 0.88 0.84 -1.15
N CYS A 26 0.68 -0.42 -1.48
CA CYS A 26 -0.28 -1.25 -0.77
C CYS A 26 0.43 -2.06 0.29
N THR A 27 1.73 -2.21 0.09
CA THR A 27 2.58 -3.00 0.96
C THR A 27 2.85 -2.27 2.28
N ASN A 28 1.92 -2.41 3.22
CA ASN A 28 2.02 -1.79 4.55
C ASN A 28 3.17 -2.41 5.36
N THR A 29 3.96 -3.26 4.72
CA THR A 29 5.15 -3.84 5.32
C THR A 29 6.29 -2.82 5.33
N CYS A 30 5.95 -1.60 5.01
CA CYS A 30 6.90 -0.48 4.98
C CYS A 30 7.68 -0.39 6.28
N PRO A 31 9.01 -0.45 6.19
CA PRO A 31 9.91 -0.34 7.35
C PRO A 31 9.84 1.04 8.01
N LEU A 32 9.25 2.00 7.31
CA LEU A 32 9.13 3.35 7.82
C LEU A 32 7.69 3.64 8.22
N ARG A 1 5.33 4.54 13.02
CA ARG A 1 5.92 4.13 11.73
C ARG A 1 5.96 5.33 10.80
N SER A 2 6.26 5.11 9.52
CA SER A 2 6.20 6.18 8.55
C SER A 2 4.74 6.39 8.14
N PHE A 3 4.51 7.27 7.17
CA PHE A 3 3.15 7.59 6.75
C PHE A 3 2.52 6.43 5.99
N CYS A 4 3.34 5.48 5.58
CA CYS A 4 2.92 4.41 4.70
C CYS A 4 1.94 3.46 5.40
N ALA A 5 1.89 3.53 6.72
CA ALA A 5 0.93 2.72 7.49
C ALA A 5 -0.49 3.23 7.28
N TYR A 6 -0.62 4.55 7.26
CA TYR A 6 -1.90 5.20 7.00
C TYR A 6 -2.17 5.17 5.50
N TRP A 7 -1.15 5.56 4.73
CA TRP A 7 -1.26 5.65 3.28
C TRP A 7 -1.39 4.27 2.64
N ARG A 8 -1.12 3.23 3.42
CA ARG A 8 -1.37 1.85 3.00
C ARG A 8 -2.78 1.72 2.44
N MET A 9 -3.73 2.38 3.10
CA MET A 9 -5.12 2.31 2.71
C MET A 9 -5.43 3.36 1.65
N LEU A 10 -4.66 4.44 1.63
CA LEU A 10 -4.92 5.56 0.73
C LEU A 10 -4.65 5.17 -0.72
N LEU A 11 -3.58 4.41 -0.92
CA LEU A 11 -3.19 4.00 -2.27
C LEU A 11 -3.71 2.60 -2.57
N CYS A 12 -4.65 2.11 -1.78
CA CYS A 12 -5.15 0.75 -1.96
C CYS A 12 -6.67 0.66 -1.78
N PRO A 13 -7.45 1.37 -2.61
CA PRO A 13 -8.90 1.21 -2.66
C PRO A 13 -9.29 -0.06 -3.41
N ASP A 14 -8.84 -0.14 -4.65
CA ASP A 14 -8.99 -1.33 -5.48
C ASP A 14 -7.86 -1.38 -6.50
N SER A 15 -6.72 -0.85 -6.08
CA SER A 15 -5.57 -0.71 -6.95
C SER A 15 -4.72 -1.98 -6.98
N CYS A 16 -5.06 -2.95 -6.14
CA CYS A 16 -4.33 -4.21 -6.13
C CYS A 16 -4.41 -4.89 -7.49
N SER A 17 -5.52 -4.67 -8.18
CA SER A 17 -5.70 -5.21 -9.52
C SER A 17 -4.73 -4.58 -10.51
N ILE A 18 -4.39 -3.32 -10.27
CA ILE A 18 -3.53 -2.56 -11.16
C ILE A 18 -2.06 -2.92 -10.94
N GLU A 19 -1.70 -3.17 -9.69
CA GLU A 19 -0.33 -3.46 -9.33
C GLU A 19 -0.07 -4.97 -9.32
N GLY A 20 -0.93 -5.72 -9.99
CA GLY A 20 -0.80 -7.16 -10.00
C GLY A 20 -1.25 -7.77 -8.70
N GLY A 21 -0.37 -7.74 -7.70
CA GLY A 21 -0.73 -8.18 -6.37
C GLY A 21 -1.38 -7.07 -5.59
N CYS A 22 -0.56 -6.17 -5.04
CA CYS A 22 -1.04 -5.00 -4.33
C CYS A 22 0.03 -3.91 -4.34
N PRO A 23 -0.37 -2.62 -4.27
CA PRO A 23 0.58 -1.50 -4.27
C PRO A 23 1.57 -1.59 -3.11
N GLU A 24 2.77 -1.04 -3.30
CA GLU A 24 3.86 -1.19 -2.32
C GLU A 24 3.41 -0.88 -0.90
N VAL A 25 2.75 0.26 -0.70
CA VAL A 25 2.28 0.66 0.62
C VAL A 25 1.22 -0.30 1.13
N CYS A 26 0.41 -0.82 0.22
CA CYS A 26 -0.68 -1.72 0.56
C CYS A 26 -0.13 -3.05 1.06
N THR A 27 1.01 -3.45 0.52
CA THR A 27 1.67 -4.69 0.89
C THR A 27 2.17 -4.66 2.34
N ASN A 28 2.16 -3.45 2.94
CA ASN A 28 2.56 -3.26 4.33
C ASN A 28 4.06 -3.49 4.54
N THR A 29 4.76 -3.70 3.44
CA THR A 29 6.20 -3.89 3.47
C THR A 29 6.90 -2.58 3.16
N CYS A 30 6.13 -1.51 3.20
CA CYS A 30 6.59 -0.17 2.95
C CYS A 30 7.77 0.20 3.86
N PRO A 31 8.85 0.75 3.28
CA PRO A 31 10.00 1.23 4.03
C PRO A 31 9.67 2.50 4.81
N LEU A 32 10.62 2.97 5.61
CA LEU A 32 10.45 4.20 6.38
C LEU A 32 10.53 5.39 5.44
N ARG A 1 7.95 3.64 11.27
CA ARG A 1 8.06 3.75 9.79
C ARG A 1 7.33 4.99 9.28
N SER A 2 7.33 5.17 7.97
CA SER A 2 6.69 6.33 7.34
C SER A 2 5.18 6.16 7.21
N PHE A 3 4.54 7.09 6.50
CA PHE A 3 3.09 7.11 6.27
C PHE A 3 2.58 5.81 5.63
N CYS A 4 3.49 5.00 5.13
CA CYS A 4 3.16 3.76 4.41
C CYS A 4 2.09 2.93 5.13
N ALA A 5 2.12 2.91 6.46
CA ALA A 5 1.19 2.08 7.22
C ALA A 5 -0.22 2.67 7.24
N TYR A 6 -0.32 3.99 7.13
CA TYR A 6 -1.61 4.65 7.07
C TYR A 6 -2.09 4.71 5.63
N TRP A 7 -1.19 5.11 4.74
CA TRP A 7 -1.52 5.37 3.35
C TRP A 7 -1.81 4.09 2.58
N ARG A 8 -1.48 2.94 3.18
CA ARG A 8 -1.79 1.65 2.60
C ARG A 8 -3.26 1.57 2.16
N MET A 9 -4.16 2.07 3.01
CA MET A 9 -5.59 2.05 2.70
C MET A 9 -5.98 3.29 1.91
N LEU A 10 -5.10 4.30 1.93
CA LEU A 10 -5.41 5.60 1.35
C LEU A 10 -5.28 5.54 -0.18
N LEU A 11 -4.33 4.73 -0.67
CA LEU A 11 -4.12 4.60 -2.11
C LEU A 11 -4.56 3.24 -2.61
N CYS A 12 -5.30 2.49 -1.79
CA CYS A 12 -5.74 1.16 -2.19
C CYS A 12 -7.25 0.99 -2.07
N PRO A 13 -8.02 1.56 -3.01
CA PRO A 13 -9.44 1.26 -3.14
C PRO A 13 -9.63 -0.09 -3.81
N ASP A 14 -8.99 -0.23 -4.97
CA ASP A 14 -8.99 -1.47 -5.73
C ASP A 14 -7.71 -1.55 -6.55
N SER A 15 -6.69 -0.83 -6.10
CA SER A 15 -5.45 -0.69 -6.84
C SER A 15 -4.64 -1.98 -6.86
N CYS A 16 -4.97 -2.90 -5.98
CA CYS A 16 -4.28 -4.17 -5.93
C CYS A 16 -4.53 -4.97 -7.20
N SER A 17 -5.55 -4.59 -7.95
CA SER A 17 -5.85 -5.23 -9.21
C SER A 17 -4.98 -4.67 -10.34
N ILE A 18 -4.37 -3.53 -10.10
CA ILE A 18 -3.55 -2.87 -11.12
C ILE A 18 -2.10 -3.35 -11.04
N GLU A 19 -1.55 -3.39 -9.83
CA GLU A 19 -0.15 -3.72 -9.63
C GLU A 19 0.06 -5.23 -9.43
N GLY A 20 -0.83 -6.03 -10.00
CA GLY A 20 -0.71 -7.47 -9.89
C GLY A 20 -1.27 -7.98 -8.57
N GLY A 21 -0.44 -7.99 -7.55
CA GLY A 21 -0.88 -8.37 -6.23
C GLY A 21 -1.40 -7.17 -5.46
N CYS A 22 -0.49 -6.28 -5.10
CA CYS A 22 -0.84 -5.00 -4.47
C CYS A 22 0.27 -3.99 -4.70
N PRO A 23 -0.09 -2.70 -4.85
CA PRO A 23 0.90 -1.64 -5.09
C PRO A 23 1.85 -1.45 -3.92
N GLU A 24 2.95 -0.75 -4.15
CA GLU A 24 3.98 -0.54 -3.12
C GLU A 24 3.37 0.10 -1.87
N VAL A 25 2.50 1.09 -2.06
CA VAL A 25 1.87 1.81 -0.96
C VAL A 25 0.99 0.89 -0.11
N CYS A 26 0.55 -0.22 -0.71
CA CYS A 26 -0.29 -1.19 -0.02
C CYS A 26 0.56 -2.08 0.87
N THR A 27 1.79 -2.30 0.42
CA THR A 27 2.74 -3.13 1.13
C THR A 27 3.20 -2.44 2.41
N ASN A 28 2.39 -2.53 3.45
CA ASN A 28 2.65 -1.89 4.73
C ASN A 28 3.79 -2.58 5.48
N THR A 29 4.57 -3.33 4.74
CA THR A 29 5.76 -3.98 5.27
C THR A 29 6.95 -3.02 5.20
N CYS A 30 6.64 -1.77 4.85
CA CYS A 30 7.61 -0.69 4.79
C CYS A 30 8.42 -0.60 6.08
N PRO A 31 9.74 -0.89 6.00
CA PRO A 31 10.63 -0.85 7.17
C PRO A 31 10.73 0.56 7.76
N LEU A 32 10.79 1.54 6.89
CA LEU A 32 10.87 2.93 7.31
C LEU A 32 10.31 3.82 6.22
N ARG A 1 4.98 4.72 13.70
CA ARG A 1 4.65 4.11 12.40
C ARG A 1 4.96 5.07 11.26
N SER A 2 5.51 4.56 10.19
CA SER A 2 5.81 5.38 9.02
C SER A 2 4.54 5.66 8.22
N PHE A 3 4.65 6.54 7.23
CA PHE A 3 3.52 6.95 6.41
C PHE A 3 2.92 5.77 5.64
N CYS A 4 3.66 4.67 5.59
CA CYS A 4 3.29 3.53 4.79
C CYS A 4 2.03 2.84 5.33
N ALA A 5 1.63 3.18 6.55
CA ALA A 5 0.41 2.65 7.12
C ALA A 5 -0.80 3.43 6.63
N TYR A 6 -0.74 4.74 6.77
CA TYR A 6 -1.81 5.63 6.35
C TYR A 6 -2.00 5.55 4.85
N TRP A 7 -0.89 5.61 4.13
CA TRP A 7 -0.92 5.63 2.67
C TRP A 7 -1.19 4.24 2.12
N ARG A 8 -1.08 3.24 2.99
CA ARG A 8 -1.41 1.87 2.63
C ARG A 8 -2.89 1.77 2.30
N MET A 9 -3.72 2.22 3.24
CA MET A 9 -5.16 2.20 3.05
C MET A 9 -5.61 3.39 2.22
N LEU A 10 -4.71 4.35 2.06
CA LEU A 10 -5.02 5.57 1.31
C LEU A 10 -5.01 5.30 -0.18
N LEU A 11 -3.97 4.62 -0.63
CA LEU A 11 -3.72 4.44 -2.05
C LEU A 11 -3.97 3.01 -2.49
N CYS A 12 -4.40 2.16 -1.57
CA CYS A 12 -4.68 0.77 -1.91
C CYS A 12 -6.07 0.35 -1.42
N PRO A 13 -7.12 0.86 -2.08
CA PRO A 13 -8.49 0.40 -1.82
C PRO A 13 -8.75 -0.91 -2.55
N ASP A 14 -8.67 -0.87 -3.87
CA ASP A 14 -8.81 -2.06 -4.70
C ASP A 14 -7.71 -2.05 -5.74
N SER A 15 -6.61 -1.40 -5.41
CA SER A 15 -5.51 -1.21 -6.34
C SER A 15 -4.78 -2.50 -6.62
N CYS A 16 -4.97 -3.50 -5.77
CA CYS A 16 -4.34 -4.80 -5.98
C CYS A 16 -4.85 -5.45 -7.27
N SER A 17 -5.96 -4.94 -7.78
CA SER A 17 -6.53 -5.44 -9.01
C SER A 17 -5.80 -4.87 -10.22
N ILE A 18 -5.42 -3.59 -10.14
CA ILE A 18 -4.83 -2.90 -11.28
C ILE A 18 -3.30 -3.03 -11.32
N GLU A 19 -2.67 -3.09 -10.15
CA GLU A 19 -1.21 -3.12 -10.07
C GLU A 19 -0.68 -4.56 -10.20
N GLY A 20 -1.47 -5.43 -10.82
CA GLY A 20 -1.08 -6.81 -10.96
C GLY A 20 -1.23 -7.58 -9.65
N GLY A 21 -0.37 -7.28 -8.71
CA GLY A 21 -0.45 -7.89 -7.41
C GLY A 21 -1.00 -6.91 -6.39
N CYS A 22 -0.12 -6.08 -5.85
CA CYS A 22 -0.51 -5.01 -4.94
C CYS A 22 0.52 -3.89 -5.00
N PRO A 23 0.06 -2.62 -5.07
CA PRO A 23 0.95 -1.47 -5.15
C PRO A 23 1.87 -1.40 -3.95
N GLU A 24 3.06 -0.85 -4.17
CA GLU A 24 4.11 -0.82 -3.14
C GLU A 24 3.68 -0.02 -1.91
N VAL A 25 2.69 0.85 -2.05
CA VAL A 25 2.15 1.59 -0.92
C VAL A 25 1.23 0.70 -0.09
N CYS A 26 0.77 -0.39 -0.69
CA CYS A 26 -0.12 -1.33 -0.03
C CYS A 26 0.70 -2.27 0.86
N THR A 27 2.00 -2.23 0.63
CA THR A 27 2.95 -3.03 1.36
C THR A 27 3.16 -2.50 2.78
N ASN A 28 2.25 -2.86 3.68
CA ASN A 28 2.29 -2.40 5.07
C ASN A 28 3.57 -2.84 5.78
N THR A 29 4.27 -3.81 5.19
CA THR A 29 5.53 -4.29 5.72
C THR A 29 6.66 -3.29 5.47
N CYS A 30 6.28 -2.17 4.88
CA CYS A 30 7.16 -1.03 4.68
C CYS A 30 7.83 -0.61 5.97
N PRO A 31 9.18 -0.50 5.95
CA PRO A 31 9.97 -0.01 7.09
C PRO A 31 9.74 1.47 7.36
N LEU A 32 10.65 2.06 8.14
CA LEU A 32 10.54 3.47 8.50
C LEU A 32 11.24 4.34 7.46
N ARG A 1 3.67 3.58 12.73
CA ARG A 1 4.77 3.53 11.73
C ARG A 1 4.68 4.75 10.82
N SER A 2 5.68 4.94 9.98
CA SER A 2 5.69 6.00 9.00
C SER A 2 4.56 5.82 7.95
N PHE A 3 4.59 6.66 6.93
CA PHE A 3 3.48 6.86 5.99
C PHE A 3 2.89 5.56 5.42
N CYS A 4 3.68 4.49 5.33
CA CYS A 4 3.24 3.28 4.62
C CYS A 4 2.07 2.63 5.37
N ALA A 5 2.01 2.89 6.67
CA ALA A 5 0.97 2.34 7.51
C ALA A 5 -0.35 3.08 7.29
N TYR A 6 -0.27 4.38 7.08
CA TYR A 6 -1.46 5.20 6.90
C TYR A 6 -1.89 5.20 5.44
N TRP A 7 -0.93 5.40 4.56
CA TRP A 7 -1.18 5.52 3.13
C TRP A 7 -1.58 4.18 2.53
N ARG A 8 -1.38 3.11 3.31
CA ARG A 8 -1.78 1.76 2.91
C ARG A 8 -3.22 1.74 2.40
N MET A 9 -4.14 2.28 3.18
CA MET A 9 -5.55 2.28 2.81
C MET A 9 -5.87 3.50 1.94
N LEU A 10 -5.00 4.50 2.00
CA LEU A 10 -5.25 5.78 1.35
C LEU A 10 -5.10 5.66 -0.17
N LEU A 11 -4.06 4.97 -0.63
CA LEU A 11 -3.81 4.83 -2.07
C LEU A 11 -4.19 3.44 -2.56
N CYS A 12 -5.01 2.73 -1.81
CA CYS A 12 -5.32 1.35 -2.16
C CYS A 12 -6.80 1.05 -1.98
N PRO A 13 -7.65 1.53 -2.90
CA PRO A 13 -9.06 1.17 -2.95
C PRO A 13 -9.25 -0.23 -3.55
N ASP A 14 -8.88 -0.36 -4.82
CA ASP A 14 -8.93 -1.65 -5.51
C ASP A 14 -7.71 -1.80 -6.41
N SER A 15 -6.68 -1.04 -6.09
CA SER A 15 -5.49 -0.95 -6.94
C SER A 15 -4.66 -2.22 -6.93
N CYS A 16 -5.00 -3.17 -6.07
CA CYS A 16 -4.30 -4.45 -6.04
C CYS A 16 -4.52 -5.20 -7.35
N SER A 17 -5.52 -4.78 -8.11
CA SER A 17 -5.80 -5.40 -9.39
C SER A 17 -4.75 -5.00 -10.44
N ILE A 18 -4.48 -3.70 -10.54
CA ILE A 18 -3.58 -3.18 -11.57
C ILE A 18 -2.11 -3.42 -11.22
N GLU A 19 -1.82 -3.55 -9.93
CA GLU A 19 -0.45 -3.72 -9.48
C GLU A 19 -0.07 -5.19 -9.39
N GLY A 20 -0.91 -6.06 -9.98
CA GLY A 20 -0.65 -7.49 -9.92
C GLY A 20 -0.98 -8.07 -8.57
N GLY A 21 -0.11 -7.79 -7.60
CA GLY A 21 -0.39 -8.18 -6.24
C GLY A 21 -1.10 -7.06 -5.50
N CYS A 22 -0.31 -6.11 -5.00
CA CYS A 22 -0.85 -4.93 -4.34
C CYS A 22 0.16 -3.79 -4.42
N PRO A 23 -0.31 -2.53 -4.46
CA PRO A 23 0.58 -1.36 -4.52
C PRO A 23 1.57 -1.33 -3.36
N GLU A 24 2.71 -0.70 -3.56
CA GLU A 24 3.76 -0.68 -2.53
C GLU A 24 3.22 -0.18 -1.19
N VAL A 25 2.55 0.97 -1.21
CA VAL A 25 2.02 1.54 0.03
C VAL A 25 0.91 0.69 0.61
N CYS A 26 0.21 -0.05 -0.25
CA CYS A 26 -0.85 -0.95 0.17
C CYS A 26 -0.22 -2.15 0.87
N THR A 27 1.03 -2.39 0.55
CA THR A 27 1.81 -3.45 1.16
C THR A 27 2.64 -2.86 2.30
N ASN A 28 2.02 -2.70 3.47
CA ASN A 28 2.68 -2.08 4.64
C ASN A 28 3.86 -2.93 5.15
N THR A 29 4.85 -3.08 4.30
CA THR A 29 6.10 -3.72 4.64
C THR A 29 7.24 -2.81 4.18
N CYS A 30 6.86 -1.58 3.82
CA CYS A 30 7.76 -0.57 3.30
C CYS A 30 9.00 -0.41 4.18
N PRO A 31 10.19 -0.36 3.57
CA PRO A 31 11.46 -0.18 4.29
C PRO A 31 11.60 1.23 4.88
N LEU A 32 10.63 1.59 5.72
CA LEU A 32 10.65 2.88 6.42
C LEU A 32 9.80 2.76 7.67
N ARG A 1 3.70 3.53 12.62
CA ARG A 1 4.73 3.29 11.60
C ARG A 1 5.01 4.57 10.84
N SER A 2 5.57 4.45 9.63
CA SER A 2 5.80 5.57 8.76
C SER A 2 4.52 5.93 7.99
N PHE A 3 4.63 6.86 7.05
CA PHE A 3 3.49 7.30 6.24
C PHE A 3 2.77 6.12 5.58
N CYS A 4 3.52 5.06 5.29
CA CYS A 4 3.00 3.95 4.52
C CYS A 4 1.91 3.19 5.28
N ALA A 5 1.82 3.43 6.58
CA ALA A 5 0.78 2.82 7.39
C ALA A 5 -0.56 3.49 7.15
N TYR A 6 -0.53 4.81 6.99
CA TYR A 6 -1.75 5.57 6.77
C TYR A 6 -2.15 5.50 5.30
N TRP A 7 -1.21 5.86 4.43
CA TRP A 7 -1.47 6.00 3.02
C TRP A 7 -1.75 4.65 2.36
N ARG A 8 -1.46 3.57 3.08
CA ARG A 8 -1.75 2.21 2.61
C ARG A 8 -3.18 2.11 2.07
N MET A 9 -4.14 2.51 2.90
CA MET A 9 -5.55 2.40 2.54
C MET A 9 -5.97 3.55 1.65
N LEU A 10 -5.18 4.63 1.66
CA LEU A 10 -5.50 5.81 0.85
C LEU A 10 -5.25 5.53 -0.62
N LEU A 11 -4.11 4.94 -0.93
CA LEU A 11 -3.76 4.65 -2.31
C LEU A 11 -4.19 3.26 -2.72
N CYS A 12 -4.32 2.35 -1.76
CA CYS A 12 -4.67 0.97 -2.10
C CYS A 12 -5.93 0.49 -1.37
N PRO A 13 -7.11 0.94 -1.82
CA PRO A 13 -8.38 0.35 -1.41
C PRO A 13 -8.65 -0.93 -2.20
N ASP A 14 -8.89 -0.75 -3.50
CA ASP A 14 -9.06 -1.88 -4.41
C ASP A 14 -8.06 -1.74 -5.56
N SER A 15 -6.92 -1.16 -5.24
CA SER A 15 -5.89 -0.86 -6.24
C SER A 15 -4.98 -2.05 -6.51
N CYS A 16 -5.15 -3.13 -5.76
CA CYS A 16 -4.32 -4.31 -5.90
C CYS A 16 -4.29 -4.80 -7.36
N SER A 17 -5.42 -4.69 -8.04
CA SER A 17 -5.53 -5.13 -9.42
C SER A 17 -4.70 -4.25 -10.37
N ILE A 18 -4.35 -3.06 -9.92
CA ILE A 18 -3.60 -2.11 -10.73
C ILE A 18 -2.15 -2.57 -10.91
N GLU A 19 -1.56 -3.07 -9.84
CA GLU A 19 -0.18 -3.52 -9.85
C GLU A 19 -0.09 -5.04 -9.90
N GLY A 20 -1.13 -5.66 -10.46
CA GLY A 20 -1.17 -7.10 -10.56
C GLY A 20 -1.62 -7.74 -9.28
N GLY A 21 -0.67 -7.97 -8.37
CA GLY A 21 -1.00 -8.52 -7.08
C GLY A 21 -1.50 -7.45 -6.15
N CYS A 22 -0.57 -6.65 -5.62
CA CYS A 22 -0.89 -5.50 -4.79
C CYS A 22 0.26 -4.48 -4.85
N PRO A 23 -0.05 -3.18 -4.89
CA PRO A 23 0.96 -2.12 -4.95
C PRO A 23 1.82 -2.05 -3.68
N GLU A 24 2.94 -1.34 -3.79
CA GLU A 24 3.90 -1.23 -2.69
C GLU A 24 3.25 -0.62 -1.44
N VAL A 25 2.37 0.36 -1.63
CA VAL A 25 1.68 1.00 -0.52
C VAL A 25 0.76 0.02 0.20
N CYS A 26 0.38 -1.05 -0.49
CA CYS A 26 -0.48 -2.08 0.09
C CYS A 26 0.36 -3.08 0.86
N THR A 27 1.61 -3.22 0.42
CA THR A 27 2.57 -4.10 1.05
C THR A 27 3.17 -3.41 2.27
N ASN A 28 2.47 -3.47 3.40
CA ASN A 28 2.91 -2.75 4.60
C ASN A 28 4.12 -3.42 5.26
N THR A 29 5.16 -3.59 4.48
CA THR A 29 6.47 -3.98 4.95
C THR A 29 7.41 -2.81 4.67
N CYS A 30 6.77 -1.69 4.42
CA CYS A 30 7.41 -0.44 4.04
C CYS A 30 8.55 -0.08 5.01
N PRO A 31 9.63 0.46 4.44
CA PRO A 31 10.86 0.83 5.15
C PRO A 31 10.62 1.76 6.34
N LEU A 32 10.61 1.18 7.53
CA LEU A 32 10.49 1.94 8.76
C LEU A 32 11.87 2.12 9.38
N ARG A 1 4.96 3.38 13.74
CA ARG A 1 4.84 3.04 12.31
C ARG A 1 4.72 4.31 11.48
N SER A 2 5.60 4.46 10.50
CA SER A 2 5.56 5.60 9.61
C SER A 2 4.40 5.50 8.62
N PHE A 3 4.26 6.53 7.79
CA PHE A 3 3.04 6.80 7.01
C PHE A 3 2.61 5.65 6.07
N CYS A 4 3.50 4.70 5.82
CA CYS A 4 3.19 3.58 4.93
C CYS A 4 1.92 2.84 5.36
N ALA A 5 1.66 2.82 6.66
CA ALA A 5 0.49 2.11 7.19
C ALA A 5 -0.79 2.88 6.86
N TYR A 6 -0.69 4.20 6.85
CA TYR A 6 -1.83 5.05 6.54
C TYR A 6 -2.09 5.09 5.04
N TRP A 7 -1.05 5.38 4.28
CA TRP A 7 -1.16 5.58 2.84
C TRP A 7 -1.49 4.28 2.13
N ARG A 8 -1.33 3.16 2.82
CA ARG A 8 -1.75 1.87 2.31
C ARG A 8 -3.24 1.91 1.97
N MET A 9 -4.01 2.48 2.87
CA MET A 9 -5.46 2.54 2.72
C MET A 9 -5.86 3.75 1.89
N LEU A 10 -4.89 4.64 1.67
CA LEU A 10 -5.17 5.91 1.02
C LEU A 10 -5.07 5.78 -0.50
N LEU A 11 -4.02 5.13 -0.98
CA LEU A 11 -3.82 5.00 -2.42
C LEU A 11 -4.17 3.62 -2.92
N CYS A 12 -4.70 2.77 -2.05
CA CYS A 12 -4.96 1.39 -2.41
C CYS A 12 -6.29 0.88 -1.84
N PRO A 13 -7.41 1.28 -2.45
CA PRO A 13 -8.72 0.72 -2.14
C PRO A 13 -8.87 -0.67 -2.75
N ASP A 14 -8.79 -0.73 -4.07
CA ASP A 14 -8.86 -1.99 -4.81
C ASP A 14 -7.70 -2.05 -5.80
N SER A 15 -6.65 -1.32 -5.44
CA SER A 15 -5.50 -1.16 -6.32
C SER A 15 -4.65 -2.42 -6.40
N CYS A 16 -4.86 -3.37 -5.49
CA CYS A 16 -4.17 -4.64 -5.57
C CYS A 16 -4.59 -5.40 -6.82
N SER A 17 -5.74 -5.02 -7.38
CA SER A 17 -6.20 -5.60 -8.62
C SER A 17 -5.57 -4.88 -9.81
N ILE A 18 -5.00 -3.70 -9.56
CA ILE A 18 -4.39 -2.90 -10.61
C ILE A 18 -2.91 -3.27 -10.79
N GLU A 19 -2.20 -3.36 -9.67
CA GLU A 19 -0.77 -3.61 -9.70
C GLU A 19 -0.44 -5.11 -9.63
N GLY A 20 -1.38 -5.93 -10.10
CA GLY A 20 -1.20 -7.37 -10.08
C GLY A 20 -1.34 -7.94 -8.69
N GLY A 21 -0.30 -7.79 -7.88
CA GLY A 21 -0.35 -8.22 -6.50
C GLY A 21 -0.90 -7.11 -5.62
N CYS A 22 -0.02 -6.20 -5.22
CA CYS A 22 -0.42 -5.02 -4.45
C CYS A 22 0.59 -3.91 -4.67
N PRO A 23 0.12 -2.65 -4.85
CA PRO A 23 0.98 -1.49 -5.07
C PRO A 23 2.00 -1.28 -3.95
N GLU A 24 3.06 -0.53 -4.24
CA GLU A 24 4.14 -0.32 -3.29
C GLU A 24 3.63 0.25 -1.95
N VAL A 25 2.85 1.33 -2.02
CA VAL A 25 2.31 1.96 -0.82
C VAL A 25 1.26 1.07 -0.15
N CYS A 26 0.73 0.14 -0.93
CA CYS A 26 -0.26 -0.80 -0.43
C CYS A 26 0.44 -1.93 0.31
N THR A 27 1.71 -2.09 -0.01
CA THR A 27 2.56 -3.10 0.60
C THR A 27 3.10 -2.58 1.93
N ASN A 28 2.29 -2.68 2.99
CA ASN A 28 2.67 -2.18 4.31
C ASN A 28 3.75 -3.07 4.94
N THR A 29 4.80 -3.30 4.17
CA THR A 29 5.97 -4.00 4.65
C THR A 29 7.15 -3.04 4.60
N CYS A 30 6.81 -1.77 4.39
CA CYS A 30 7.77 -0.69 4.30
C CYS A 30 8.70 -0.69 5.51
N PRO A 31 10.01 -0.86 5.26
CA PRO A 31 11.04 -0.86 6.29
C PRO A 31 11.02 0.41 7.14
N LEU A 32 10.83 1.54 6.48
CA LEU A 32 10.76 2.82 7.17
C LEU A 32 9.66 3.66 6.56
N ARG A 1 3.21 3.60 13.26
CA ARG A 1 4.11 3.14 12.18
C ARG A 1 4.32 4.26 11.16
N SER A 2 5.36 4.13 10.35
CA SER A 2 5.62 5.05 9.26
C SER A 2 4.42 5.09 8.29
N PHE A 3 4.46 6.03 7.36
CA PHE A 3 3.29 6.43 6.58
C PHE A 3 2.73 5.31 5.72
N CYS A 4 3.50 4.24 5.54
CA CYS A 4 3.12 3.17 4.64
C CYS A 4 1.87 2.43 5.13
N ALA A 5 1.54 2.61 6.41
CA ALA A 5 0.33 2.01 6.96
C ALA A 5 -0.89 2.87 6.66
N TYR A 6 -0.74 4.18 6.82
CA TYR A 6 -1.81 5.12 6.55
C TYR A 6 -2.05 5.24 5.05
N TRP A 7 -0.97 5.46 4.31
CA TRP A 7 -1.06 5.70 2.87
C TRP A 7 -1.46 4.44 2.12
N ARG A 8 -1.35 3.30 2.81
CA ARG A 8 -1.83 2.04 2.26
C ARG A 8 -3.30 2.16 1.90
N MET A 9 -4.09 2.71 2.81
CA MET A 9 -5.52 2.87 2.61
C MET A 9 -5.80 4.18 1.89
N LEU A 10 -4.80 5.05 1.84
CA LEU A 10 -4.97 6.38 1.27
C LEU A 10 -5.01 6.32 -0.26
N LEU A 11 -4.06 5.59 -0.85
CA LEU A 11 -3.97 5.50 -2.30
C LEU A 11 -4.55 4.19 -2.80
N CYS A 12 -4.53 3.18 -1.96
CA CYS A 12 -4.89 1.82 -2.39
C CYS A 12 -6.11 1.29 -1.65
N PRO A 13 -7.31 1.47 -2.21
CA PRO A 13 -8.53 0.85 -1.69
C PRO A 13 -8.49 -0.67 -1.87
N ASP A 14 -8.44 -1.09 -3.13
CA ASP A 14 -8.36 -2.51 -3.46
C ASP A 14 -7.50 -2.65 -4.72
N SER A 15 -6.48 -1.83 -4.79
CA SER A 15 -5.64 -1.71 -5.98
C SER A 15 -4.72 -2.92 -6.17
N CYS A 16 -4.71 -3.83 -5.19
CA CYS A 16 -3.91 -5.04 -5.30
C CYS A 16 -4.34 -5.91 -6.49
N SER A 17 -5.49 -5.60 -7.06
CA SER A 17 -5.95 -6.30 -8.26
C SER A 17 -5.30 -5.73 -9.52
N ILE A 18 -5.08 -4.42 -9.54
CA ILE A 18 -4.64 -3.74 -10.77
C ILE A 18 -3.12 -3.71 -10.92
N GLU A 19 -2.40 -3.61 -9.81
CA GLU A 19 -0.95 -3.46 -9.85
C GLU A 19 -0.22 -4.79 -9.85
N GLY A 20 -0.87 -5.82 -10.39
CA GLY A 20 -0.32 -7.16 -10.32
C GLY A 20 -0.53 -7.75 -8.94
N GLY A 21 0.20 -7.23 -7.98
CA GLY A 21 -0.08 -7.50 -6.61
C GLY A 21 -0.49 -6.22 -5.93
N CYS A 22 0.14 -5.91 -4.83
CA CYS A 22 -0.21 -4.71 -4.09
C CYS A 22 0.74 -3.57 -4.42
N PRO A 23 0.17 -2.39 -4.73
CA PRO A 23 0.95 -1.18 -5.06
C PRO A 23 2.00 -0.84 -4.00
N GLU A 24 2.97 -0.01 -4.38
CA GLU A 24 4.10 0.34 -3.52
C GLU A 24 3.65 0.75 -2.11
N VAL A 25 2.72 1.70 -2.04
CA VAL A 25 2.25 2.22 -0.76
C VAL A 25 1.22 1.29 -0.12
N CYS A 26 0.70 0.36 -0.92
CA CYS A 26 -0.29 -0.59 -0.45
C CYS A 26 0.40 -1.77 0.23
N THR A 27 1.67 -1.92 -0.10
CA THR A 27 2.51 -2.97 0.44
C THR A 27 2.92 -2.67 1.88
N ASN A 28 2.05 -3.03 2.82
CA ASN A 28 2.28 -2.80 4.26
C ASN A 28 3.58 -3.44 4.75
N THR A 29 4.25 -4.19 3.87
CA THR A 29 5.54 -4.79 4.19
C THR A 29 6.64 -3.73 4.21
N CYS A 30 6.24 -2.50 3.95
CA CYS A 30 7.11 -1.33 3.99
C CYS A 30 7.87 -1.26 5.31
N PRO A 31 9.21 -1.34 5.27
CA PRO A 31 10.06 -1.31 6.45
C PRO A 31 10.02 0.03 7.16
N LEU A 32 10.14 1.11 6.40
CA LEU A 32 10.17 2.46 6.94
C LEU A 32 9.81 3.46 5.87
N ARG A 1 4.09 4.40 13.48
CA ARG A 1 4.32 3.67 12.21
C ARG A 1 4.60 4.65 11.08
N SER A 2 5.59 4.32 10.27
CA SER A 2 5.90 5.09 9.07
C SER A 2 4.67 5.15 8.16
N PHE A 3 4.66 6.18 7.32
CA PHE A 3 3.48 6.58 6.56
C PHE A 3 2.92 5.48 5.65
N CYS A 4 3.71 4.45 5.39
CA CYS A 4 3.29 3.37 4.49
C CYS A 4 1.99 2.72 4.96
N ALA A 5 1.83 2.56 6.27
CA ALA A 5 0.65 1.92 6.83
C ALA A 5 -0.60 2.78 6.65
N TYR A 6 -0.39 4.09 6.69
CA TYR A 6 -1.49 5.04 6.56
C TYR A 6 -1.91 5.15 5.11
N TRP A 7 -0.94 5.40 4.24
CA TRP A 7 -1.21 5.70 2.84
C TRP A 7 -1.70 4.46 2.08
N ARG A 8 -1.53 3.29 2.70
CA ARG A 8 -2.07 2.06 2.13
C ARG A 8 -3.55 2.22 1.80
N MET A 9 -4.30 2.80 2.72
CA MET A 9 -5.73 2.97 2.55
C MET A 9 -6.04 4.23 1.74
N LEU A 10 -5.05 5.07 1.53
CA LEU A 10 -5.25 6.32 0.81
C LEU A 10 -5.19 6.11 -0.71
N LEU A 11 -4.20 5.36 -1.17
CA LEU A 11 -4.05 5.13 -2.60
C LEU A 11 -4.33 3.68 -2.97
N CYS A 12 -4.96 2.93 -2.09
CA CYS A 12 -5.18 1.51 -2.35
C CYS A 12 -6.34 0.95 -1.51
N PRO A 13 -7.57 1.08 -2.01
CA PRO A 13 -8.72 0.37 -1.43
C PRO A 13 -8.64 -1.12 -1.76
N ASP A 14 -8.61 -1.43 -3.04
CA ASP A 14 -8.47 -2.80 -3.52
C ASP A 14 -7.59 -2.80 -4.77
N SER A 15 -6.69 -1.84 -4.81
CA SER A 15 -5.84 -1.60 -5.97
C SER A 15 -4.80 -2.70 -6.18
N CYS A 16 -4.70 -3.62 -5.22
CA CYS A 16 -3.78 -4.75 -5.35
C CYS A 16 -4.11 -5.58 -6.59
N SER A 17 -5.34 -5.44 -7.08
CA SER A 17 -5.78 -6.19 -8.24
C SER A 17 -5.21 -5.59 -9.52
N ILE A 18 -5.18 -4.26 -9.59
CA ILE A 18 -4.76 -3.58 -10.81
C ILE A 18 -3.23 -3.48 -10.90
N GLU A 19 -2.57 -3.46 -9.75
CA GLU A 19 -1.11 -3.34 -9.72
C GLU A 19 -0.45 -4.71 -9.69
N GLY A 20 -1.21 -5.75 -10.02
CA GLY A 20 -0.69 -7.10 -10.01
C GLY A 20 -0.65 -7.68 -8.62
N GLY A 21 0.38 -7.35 -7.87
CA GLY A 21 0.46 -7.76 -6.49
C GLY A 21 -0.21 -6.76 -5.58
N CYS A 22 0.50 -5.69 -5.25
CA CYS A 22 -0.03 -4.59 -4.47
C CYS A 22 0.77 -3.32 -4.76
N PRO A 23 0.08 -2.17 -4.87
CA PRO A 23 0.75 -0.88 -5.09
C PRO A 23 1.83 -0.62 -4.04
N GLU A 24 2.86 0.14 -4.41
CA GLU A 24 4.00 0.37 -3.51
C GLU A 24 3.54 0.83 -2.12
N VAL A 25 2.68 1.83 -2.09
CA VAL A 25 2.18 2.38 -0.83
C VAL A 25 1.13 1.48 -0.20
N CYS A 26 0.78 0.40 -0.88
CA CYS A 26 -0.24 -0.52 -0.39
C CYS A 26 0.41 -1.72 0.27
N THR A 27 1.59 -2.08 -0.21
CA THR A 27 2.38 -3.14 0.36
C THR A 27 2.95 -2.72 1.71
N ASN A 28 2.14 -2.81 2.76
CA ASN A 28 2.53 -2.37 4.09
C ASN A 28 3.60 -3.28 4.72
N THR A 29 4.42 -3.90 3.87
CA THR A 29 5.58 -4.64 4.33
C THR A 29 6.77 -3.70 4.41
N CYS A 30 6.48 -2.43 4.18
CA CYS A 30 7.47 -1.37 4.24
C CYS A 30 8.25 -1.43 5.55
N PRO A 31 9.57 -1.19 5.46
CA PRO A 31 10.50 -1.24 6.59
C PRO A 31 9.93 -0.61 7.85
N LEU A 32 9.91 -1.39 8.92
CA LEU A 32 9.41 -0.93 10.20
C LEU A 32 10.36 0.11 10.78
N ARG A 1 6.08 3.23 11.35
CA ARG A 1 6.81 3.23 10.07
C ARG A 1 6.54 4.52 9.30
N SER A 2 6.84 4.52 8.01
CA SER A 2 6.64 5.68 7.16
C SER A 2 5.16 5.86 6.81
N PHE A 3 4.87 6.81 5.93
CA PHE A 3 3.51 7.12 5.50
C PHE A 3 2.76 5.88 5.03
N CYS A 4 3.51 4.88 4.60
CA CYS A 4 2.97 3.62 4.09
C CYS A 4 1.91 3.03 5.02
N ALA A 5 2.07 3.27 6.33
CA ALA A 5 1.13 2.76 7.32
C ALA A 5 -0.27 3.30 7.09
N TYR A 6 -0.41 4.61 7.06
CA TYR A 6 -1.73 5.24 6.92
C TYR A 6 -2.15 5.26 5.46
N TRP A 7 -1.21 5.64 4.59
CA TRP A 7 -1.49 5.84 3.17
C TRP A 7 -1.84 4.53 2.47
N ARG A 8 -1.60 3.41 3.15
CA ARG A 8 -2.00 2.09 2.67
C ARG A 8 -3.45 2.11 2.16
N MET A 9 -4.35 2.61 3.01
CA MET A 9 -5.77 2.67 2.67
C MET A 9 -6.05 3.78 1.66
N LEU A 10 -5.17 4.78 1.64
CA LEU A 10 -5.38 5.95 0.81
C LEU A 10 -5.13 5.66 -0.67
N LEU A 11 -4.11 4.86 -0.95
CA LEU A 11 -3.73 4.55 -2.32
C LEU A 11 -4.04 3.10 -2.69
N CYS A 12 -4.94 2.46 -1.96
CA CYS A 12 -5.24 1.07 -2.25
C CYS A 12 -6.62 0.65 -1.76
N PRO A 13 -7.68 1.04 -2.49
CA PRO A 13 -9.03 0.50 -2.29
C PRO A 13 -9.12 -0.94 -2.80
N ASP A 14 -8.89 -1.09 -4.10
CA ASP A 14 -8.86 -2.39 -4.76
C ASP A 14 -7.69 -2.39 -5.74
N SER A 15 -6.66 -1.65 -5.40
CA SER A 15 -5.56 -1.38 -6.30
C SER A 15 -4.58 -2.55 -6.43
N CYS A 16 -4.69 -3.55 -5.57
CA CYS A 16 -3.86 -4.73 -5.72
C CYS A 16 -4.20 -5.44 -7.02
N SER A 17 -5.40 -5.20 -7.51
CA SER A 17 -5.86 -5.78 -8.75
C SER A 17 -5.16 -5.11 -9.95
N ILE A 18 -4.98 -3.80 -9.89
CA ILE A 18 -4.42 -3.08 -11.03
C ILE A 18 -2.88 -3.02 -10.95
N GLU A 19 -2.34 -3.03 -9.74
CA GLU A 19 -0.89 -2.92 -9.54
C GLU A 19 -0.23 -4.30 -9.51
N GLY A 20 -0.86 -5.29 -10.14
CA GLY A 20 -0.31 -6.62 -10.19
C GLY A 20 -0.41 -7.34 -8.85
N GLY A 21 0.56 -7.12 -7.99
CA GLY A 21 0.51 -7.66 -6.65
C GLY A 21 -0.25 -6.75 -5.72
N CYS A 22 0.47 -5.77 -5.17
CA CYS A 22 -0.14 -4.74 -4.33
C CYS A 22 0.70 -3.48 -4.38
N PRO A 23 0.04 -2.30 -4.47
CA PRO A 23 0.70 -1.00 -4.54
C PRO A 23 1.75 -0.79 -3.45
N GLU A 24 2.67 0.13 -3.69
CA GLU A 24 3.79 0.40 -2.79
C GLU A 24 3.35 0.50 -1.32
N VAL A 25 2.36 1.34 -1.05
CA VAL A 25 1.91 1.56 0.32
C VAL A 25 0.87 0.53 0.75
N CYS A 26 0.31 -0.18 -0.21
CA CYS A 26 -0.67 -1.21 0.08
C CYS A 26 0.04 -2.43 0.65
N THR A 27 1.29 -2.60 0.22
CA THR A 27 2.16 -3.61 0.76
C THR A 27 2.64 -3.20 2.15
N ASN A 28 1.81 -3.46 3.15
CA ASN A 28 2.08 -3.06 4.54
C ASN A 28 3.21 -3.90 5.15
N THR A 29 4.22 -4.16 4.35
CA THR A 29 5.42 -4.83 4.80
C THR A 29 6.59 -3.85 4.70
N CYS A 30 6.24 -2.64 4.31
CA CYS A 30 7.18 -1.54 4.11
C CYS A 30 8.07 -1.33 5.34
N PRO A 31 9.38 -1.50 5.17
CA PRO A 31 10.37 -1.32 6.25
C PRO A 31 10.43 0.12 6.76
N LEU A 32 10.87 0.27 8.00
CA LEU A 32 11.02 1.56 8.62
C LEU A 32 12.23 2.29 8.05
N ARG A 1 4.30 4.29 12.98
CA ARG A 1 5.04 3.92 11.75
C ARG A 1 5.07 5.10 10.80
N SER A 2 5.85 5.00 9.74
CA SER A 2 5.89 6.02 8.71
C SER A 2 4.59 6.03 7.90
N PHE A 3 4.53 6.82 6.84
CA PHE A 3 3.30 7.04 6.09
C PHE A 3 2.67 5.73 5.57
N CYS A 4 3.46 4.67 5.48
CA CYS A 4 2.98 3.40 4.94
C CYS A 4 1.75 2.88 5.71
N ALA A 5 1.62 3.26 6.97
CA ALA A 5 0.52 2.78 7.79
C ALA A 5 -0.83 3.34 7.34
N TYR A 6 -0.87 4.65 7.11
CA TYR A 6 -2.10 5.30 6.69
C TYR A 6 -2.25 5.24 5.18
N TRP A 7 -1.17 5.52 4.47
CA TRP A 7 -1.20 5.67 3.02
C TRP A 7 -1.45 4.35 2.31
N ARG A 8 -1.29 3.25 3.02
CA ARG A 8 -1.59 1.93 2.45
C ARG A 8 -3.07 1.84 2.08
N MET A 9 -3.88 2.61 2.78
CA MET A 9 -5.31 2.68 2.50
C MET A 9 -5.59 3.73 1.44
N LEU A 10 -4.79 4.80 1.48
CA LEU A 10 -5.04 5.96 0.61
C LEU A 10 -4.90 5.62 -0.86
N LEU A 11 -3.82 4.93 -1.22
CA LEU A 11 -3.54 4.64 -2.62
C LEU A 11 -3.85 3.19 -2.95
N CYS A 12 -4.69 2.55 -2.14
CA CYS A 12 -5.01 1.16 -2.36
C CYS A 12 -6.35 0.77 -1.73
N PRO A 13 -7.45 1.13 -2.38
CA PRO A 13 -8.77 0.61 -2.03
C PRO A 13 -8.93 -0.81 -2.54
N ASP A 14 -8.88 -0.96 -3.86
CA ASP A 14 -8.88 -2.26 -4.52
C ASP A 14 -7.82 -2.28 -5.62
N SER A 15 -6.79 -1.47 -5.41
CA SER A 15 -5.76 -1.28 -6.42
C SER A 15 -4.84 -2.49 -6.56
N CYS A 16 -4.99 -3.47 -5.68
CA CYS A 16 -4.22 -4.70 -5.78
C CYS A 16 -4.56 -5.45 -7.06
N SER A 17 -5.74 -5.19 -7.59
CA SER A 17 -6.14 -5.78 -8.86
C SER A 17 -5.50 -5.03 -10.02
N ILE A 18 -5.12 -3.79 -9.78
CA ILE A 18 -4.55 -2.94 -10.81
C ILE A 18 -3.04 -3.11 -10.87
N GLU A 19 -2.40 -3.10 -9.71
CA GLU A 19 -0.94 -3.16 -9.64
C GLU A 19 -0.43 -4.60 -9.66
N GLY A 20 -1.27 -5.53 -10.11
CA GLY A 20 -0.87 -6.92 -10.18
C GLY A 20 -1.00 -7.62 -8.84
N GLY A 21 -0.05 -7.36 -7.97
CA GLY A 21 -0.13 -7.89 -6.62
C GLY A 21 -0.79 -6.88 -5.70
N CYS A 22 -0.02 -5.91 -5.25
CA CYS A 22 -0.52 -4.80 -4.44
C CYS A 22 0.42 -3.61 -4.58
N PRO A 23 -0.14 -2.38 -4.64
CA PRO A 23 0.64 -1.15 -4.78
C PRO A 23 1.74 -1.00 -3.74
N GLU A 24 2.71 -0.13 -4.01
CA GLU A 24 3.88 0.04 -3.15
C GLU A 24 3.49 0.27 -1.69
N VAL A 25 2.63 1.25 -1.46
CA VAL A 25 2.22 1.60 -0.10
C VAL A 25 1.27 0.55 0.47
N CYS A 26 0.54 -0.12 -0.42
CA CYS A 26 -0.40 -1.16 -0.02
C CYS A 26 0.37 -2.37 0.50
N THR A 27 1.62 -2.47 0.05
CA THR A 27 2.54 -3.47 0.54
C THR A 27 3.10 -3.02 1.88
N ASN A 28 2.34 -3.25 2.95
CA ASN A 28 2.68 -2.73 4.27
C ASN A 28 3.87 -3.46 4.90
N THR A 29 4.81 -3.86 4.06
CA THR A 29 6.06 -4.43 4.51
C THR A 29 7.15 -3.35 4.43
N CYS A 30 6.68 -2.12 4.27
CA CYS A 30 7.53 -0.95 4.17
C CYS A 30 8.55 -0.89 5.31
N PRO A 31 9.84 -0.87 4.97
CA PRO A 31 10.93 -0.77 5.95
C PRO A 31 10.78 0.45 6.86
N LEU A 32 10.84 0.21 8.16
CA LEU A 32 10.73 1.28 9.14
C LEU A 32 12.09 1.49 9.82
N ARG A 1 3.65 5.66 13.15
CA ARG A 1 4.50 4.98 12.13
C ARG A 1 4.66 5.88 10.92
N SER A 2 5.65 5.58 10.08
CA SER A 2 5.82 6.25 8.80
C SER A 2 4.57 6.06 7.92
N PHE A 3 4.56 6.76 6.79
CA PHE A 3 3.37 6.97 5.98
C PHE A 3 2.71 5.68 5.47
N CYS A 4 3.42 4.56 5.52
CA CYS A 4 2.90 3.31 4.97
C CYS A 4 1.57 2.91 5.62
N ALA A 5 1.41 3.27 6.90
CA ALA A 5 0.19 2.91 7.62
C ALA A 5 -1.01 3.67 7.06
N TYR A 6 -0.87 4.98 6.93
CA TYR A 6 -1.96 5.83 6.44
C TYR A 6 -2.14 5.65 4.94
N TRP A 7 -1.05 5.68 4.21
CA TRP A 7 -1.09 5.66 2.75
C TRP A 7 -1.43 4.27 2.21
N ARG A 8 -1.34 3.26 3.06
CA ARG A 8 -1.72 1.90 2.69
C ARG A 8 -3.13 1.88 2.10
N MET A 9 -4.06 2.49 2.82
CA MET A 9 -5.44 2.53 2.39
C MET A 9 -5.66 3.68 1.40
N LEU A 10 -4.67 4.55 1.30
CA LEU A 10 -4.76 5.74 0.46
C LEU A 10 -4.47 5.37 -1.00
N LEU A 11 -3.41 4.61 -1.22
CA LEU A 11 -3.04 4.21 -2.58
C LEU A 11 -3.51 2.80 -2.90
N CYS A 12 -4.16 2.15 -1.95
CA CYS A 12 -4.61 0.78 -2.17
C CYS A 12 -6.04 0.55 -1.67
N PRO A 13 -7.04 1.20 -2.29
CA PRO A 13 -8.45 0.83 -2.11
C PRO A 13 -8.79 -0.42 -2.92
N ASP A 14 -8.21 -1.55 -2.51
CA ASP A 14 -8.35 -2.83 -3.24
C ASP A 14 -7.68 -2.74 -4.60
N SER A 15 -6.73 -1.83 -4.70
CA SER A 15 -5.95 -1.60 -5.92
C SER A 15 -5.10 -2.82 -6.32
N CYS A 16 -5.12 -3.87 -5.51
CA CYS A 16 -4.34 -5.07 -5.78
C CYS A 16 -4.70 -5.71 -7.14
N SER A 17 -5.83 -5.30 -7.72
CA SER A 17 -6.19 -5.74 -9.06
C SER A 17 -5.61 -4.81 -10.12
N ILE A 18 -5.29 -3.58 -9.71
CA ILE A 18 -4.86 -2.54 -10.62
C ILE A 18 -3.34 -2.54 -10.83
N GLU A 19 -2.59 -2.63 -9.74
CA GLU A 19 -1.14 -2.52 -9.78
C GLU A 19 -0.48 -3.86 -10.10
N GLY A 20 -1.20 -4.72 -10.81
CA GLY A 20 -0.72 -6.07 -11.03
C GLY A 20 -0.98 -6.92 -9.82
N GLY A 21 -0.28 -6.60 -8.74
CA GLY A 21 -0.61 -7.14 -7.46
C GLY A 21 -0.97 -6.01 -6.53
N CYS A 22 -0.37 -6.00 -5.37
CA CYS A 22 -0.70 -5.00 -4.38
C CYS A 22 0.32 -3.86 -4.41
N PRO A 23 -0.18 -2.61 -4.47
CA PRO A 23 0.67 -1.41 -4.53
C PRO A 23 1.76 -1.39 -3.46
N GLU A 24 2.78 -0.58 -3.66
CA GLU A 24 3.93 -0.56 -2.76
C GLU A 24 3.52 -0.31 -1.31
N VAL A 25 2.74 0.73 -1.07
CA VAL A 25 2.31 1.06 0.29
C VAL A 25 1.24 0.08 0.79
N CYS A 26 0.67 -0.68 -0.15
CA CYS A 26 -0.29 -1.72 0.18
C CYS A 26 0.45 -2.91 0.77
N THR A 27 1.74 -2.96 0.45
CA THR A 27 2.65 -3.96 0.96
C THR A 27 3.20 -3.49 2.31
N ASN A 28 2.41 -3.73 3.36
CA ASN A 28 2.64 -3.20 4.71
C ASN A 28 4.05 -3.44 5.26
N THR A 29 4.83 -4.26 4.57
CA THR A 29 6.21 -4.56 4.99
C THR A 29 7.15 -3.37 4.74
N CYS A 30 6.57 -2.21 4.51
CA CYS A 30 7.31 -0.96 4.29
C CYS A 30 8.34 -0.71 5.39
N PRO A 31 9.63 -0.65 5.02
CA PRO A 31 10.70 -0.31 5.95
C PRO A 31 10.56 1.13 6.47
N LEU A 32 10.88 1.32 7.74
CA LEU A 32 10.79 2.64 8.34
C LEU A 32 12.20 3.20 8.59
#